data_2WMH
#
_entry.id   2WMH
#
_cell.length_a   50.796
_cell.length_b   90.816
_cell.length_c   116.545
_cell.angle_alpha   90.00
_cell.angle_beta   90.00
_cell.angle_gamma   90.00
#
_symmetry.space_group_name_H-M   'P 21 21 21'
#
loop_
_entity.id
_entity.type
_entity.pdbx_description
1 polymer 'FUCOLECTIN-RELATED PROTEIN'
2 branched alpha-L-fucopyranose-(1-2)-beta-D-galactopyranose
3 water water
#
_entity_poly.entity_id   1
_entity_poly.type   'polypeptide(L)'
_entity_poly.pdbx_seq_one_letter_code
;MGSSHHHHHHSSGLVPRGSHMAADNRVQMRTTINNESPLLLSPLYGNDNGNGLWWGNTLKGAWEAIPEDVKPYAAIELHP
AKVCKPTSCIPRDTKELREWYVKMLEEAQSLNIPVFLVIMSAGERNTVPPEWLDEQFQKYSVLKGVLNIENYWIYNNQLA
PHSAKYLEVCAKYGAHFIWHDHEKWFWETIMNDPTFFEASQKYHKNLVLATKNTPIRDDAGTDSIVSGFWLSGLCDNWGS
STDTWKWWEKHYTNTFETGRARDMRSYASEPESMIAMEMMNVYTGGGTVYNFECAAYTFMTNDVPTPAFTKGIIPFFRHA
IQNPAPSKEEVVNRTKAVFWNGEGRISSLNGFYQGLYSNDETMPLYNNGRYHILPVIHEKIDKEKISSIFPNAKILTKNS
EELSSKVNYLNSLYPKLYEGDGYAQRVGNSWYIYNSNANINKNQQVMLPMYTNNTKSLSLDLTPHTYAVVKENPNNLHIL
LNNYRTDKTAMWALSGNFDASKSWKKEELELANWISKNYSINPVDNDFRTTTLTLKGHTGHKPQINISGDKNHYTYTENW
DENTHVYTITVNHNGMVEMSI
;
_entity_poly.pdbx_strand_id   A
#
loop_
_chem_comp.id
_chem_comp.type
_chem_comp.name
_chem_comp.formula
FUC L-saccharide, alpha linking alpha-L-fucopyranose 'C6 H12 O5'
GAL D-saccharide, beta linking beta-D-galactopyranose 'C6 H12 O6'
#
# COMPACT_ATOMS: atom_id res chain seq x y z
N VAL A 27 -12.92 -26.33 6.32
CA VAL A 27 -13.28 -25.83 4.96
C VAL A 27 -11.98 -25.33 4.37
N GLN A 28 -11.80 -25.46 3.06
CA GLN A 28 -10.56 -24.98 2.49
C GLN A 28 -10.68 -23.49 2.27
N MET A 29 -9.56 -22.80 2.48
CA MET A 29 -9.53 -21.36 2.24
C MET A 29 -9.75 -21.10 0.74
N ARG A 30 -10.55 -20.09 0.44
CA ARG A 30 -10.80 -19.74 -0.99
C ARG A 30 -9.66 -18.97 -1.66
N THR A 31 -8.87 -18.29 -0.84
CA THR A 31 -7.65 -17.58 -1.26
C THR A 31 -6.58 -17.89 -0.22
N THR A 32 -5.36 -18.19 -0.67
CA THR A 32 -4.22 -18.32 0.25
C THR A 32 -3.49 -16.98 0.25
N ILE A 33 -3.41 -16.38 1.43
CA ILE A 33 -2.83 -15.05 1.60
C ILE A 33 -1.82 -15.15 2.72
N ASN A 34 -0.55 -14.90 2.41
CA ASN A 34 0.53 -14.91 3.35
C ASN A 34 1.73 -14.24 2.68
N ASN A 35 2.86 -14.10 3.38
CA ASN A 35 4.03 -13.48 2.74
C ASN A 35 4.49 -14.14 1.43
N GLU A 36 4.33 -15.46 1.33
CA GLU A 36 4.66 -16.23 0.14
C GLU A 36 3.59 -16.18 -0.98
N SER A 37 2.44 -15.61 -0.65
CA SER A 37 1.28 -15.59 -1.55
C SER A 37 0.48 -14.31 -1.26
N PRO A 38 1.02 -13.15 -1.66
CA PRO A 38 0.36 -11.89 -1.38
C PRO A 38 -0.88 -11.72 -2.28
N LEU A 39 -1.69 -10.71 -2.00
CA LEU A 39 -2.92 -10.49 -2.75
C LEU A 39 -2.98 -9.05 -3.28
N LEU A 40 -3.15 -8.94 -4.59
CA LEU A 40 -3.35 -7.65 -5.28
C LEU A 40 -4.82 -7.51 -5.68
N LEU A 41 -5.46 -6.44 -5.22
CA LEU A 41 -6.83 -6.14 -5.56
C LEU A 41 -6.86 -4.99 -6.54
N SER A 42 -7.65 -5.16 -7.62
CA SER A 42 -7.89 -4.13 -8.63
C SER A 42 -9.40 -3.87 -8.72
N PRO A 43 -9.82 -2.59 -8.59
CA PRO A 43 -11.27 -2.36 -8.47
C PRO A 43 -12.00 -1.99 -9.77
N LEU A 44 -13.22 -2.50 -9.85
CA LEU A 44 -14.25 -2.02 -10.77
C LEU A 44 -15.41 -1.41 -9.96
N TYR A 45 -16.03 -0.38 -10.55
CA TYR A 45 -17.04 0.42 -9.87
C TYR A 45 -18.35 0.40 -10.65
N GLY A 46 -19.45 0.26 -9.93
CA GLY A 46 -20.76 0.18 -10.53
C GLY A 46 -21.24 1.48 -11.14
N ASN A 47 -21.99 1.35 -12.23
CA ASN A 47 -22.65 2.50 -12.86
C ASN A 47 -24.12 2.17 -12.87
N ASP A 48 -24.96 3.19 -12.72
CA ASP A 48 -26.42 2.96 -12.63
C ASP A 48 -27.08 3.04 -14.01
N ASN A 49 -26.38 2.52 -15.01
CA ASN A 49 -26.73 2.62 -16.45
C ASN A 49 -25.66 1.92 -17.30
N GLY A 50 -25.82 1.93 -18.62
CA GLY A 50 -24.83 1.35 -19.54
C GLY A 50 -24.67 -0.14 -19.28
N ASN A 51 -23.42 -0.63 -19.31
CA ASN A 51 -23.13 -2.02 -18.96
C ASN A 51 -23.03 -2.29 -17.43
N GLY A 52 -23.37 -1.29 -16.63
CA GLY A 52 -23.29 -1.38 -15.17
C GLY A 52 -21.92 -1.13 -14.52
N LEU A 53 -20.94 -0.69 -15.30
CA LEU A 53 -19.59 -0.34 -14.77
C LEU A 53 -19.10 1.04 -15.21
N TRP A 54 -18.35 1.68 -14.33
CA TRP A 54 -17.87 3.04 -14.55
C TRP A 54 -16.50 3.02 -15.21
N TRP A 55 -16.06 4.16 -15.73
CA TRP A 55 -14.73 4.36 -16.32
C TRP A 55 -14.53 3.57 -17.61
N GLY A 56 -15.66 3.18 -18.21
CA GLY A 56 -15.60 2.43 -19.47
C GLY A 56 -15.03 1.03 -19.42
N ASN A 57 -14.92 0.45 -18.22
CA ASN A 57 -14.29 -0.85 -18.04
C ASN A 57 -15.27 -2.03 -18.08
N THR A 58 -14.72 -3.23 -18.19
CA THR A 58 -15.49 -4.46 -18.11
C THR A 58 -14.77 -5.46 -17.21
N LEU A 59 -15.52 -6.44 -16.72
CA LEU A 59 -14.94 -7.54 -15.93
C LEU A 59 -13.87 -8.31 -16.73
N LYS A 60 -14.21 -8.67 -17.97
CA LYS A 60 -13.26 -9.40 -18.83
C LYS A 60 -11.96 -8.59 -19.07
N GLY A 61 -12.12 -7.30 -19.35
CA GLY A 61 -10.96 -6.44 -19.57
C GLY A 61 -10.14 -6.29 -18.31
N ALA A 62 -10.81 -6.27 -17.17
CA ALA A 62 -10.10 -6.14 -15.87
C ALA A 62 -9.19 -7.35 -15.65
N TRP A 63 -9.71 -8.55 -15.85
CA TRP A 63 -8.89 -9.73 -15.64
C TRP A 63 -7.85 -9.88 -16.75
N GLU A 64 -8.19 -9.45 -17.95
CA GLU A 64 -7.20 -9.38 -19.05
C GLU A 64 -6.00 -8.49 -18.70
N ALA A 65 -6.22 -7.46 -17.88
CA ALA A 65 -5.18 -6.51 -17.52
C ALA A 65 -4.15 -7.10 -16.55
N ILE A 66 -4.52 -8.19 -15.88
CA ILE A 66 -3.69 -8.76 -14.83
C ILE A 66 -2.72 -9.73 -15.51
N PRO A 67 -1.39 -9.48 -15.41
CA PRO A 67 -0.40 -10.36 -16.06
C PRO A 67 -0.53 -11.79 -15.59
N GLU A 68 -0.21 -12.75 -16.46
CA GLU A 68 -0.41 -14.17 -16.14
C GLU A 68 0.35 -14.65 -14.90
N ASP A 69 1.53 -14.08 -14.66
CA ASP A 69 2.30 -14.45 -13.47
C ASP A 69 1.71 -13.85 -12.20
N VAL A 70 0.86 -12.82 -12.35
CA VAL A 70 0.29 -12.11 -11.19
C VAL A 70 -1.09 -12.67 -10.89
N LYS A 71 -1.78 -13.19 -11.90
CA LYS A 71 -3.10 -13.77 -11.69
C LYS A 71 -3.29 -14.74 -10.48
N PRO A 72 -2.29 -15.63 -10.20
CA PRO A 72 -2.45 -16.51 -9.03
C PRO A 72 -2.56 -15.79 -7.68
N TYR A 73 -2.21 -14.48 -7.67
CA TYR A 73 -2.10 -13.67 -6.48
C TYR A 73 -2.99 -12.42 -6.55
N ALA A 74 -4.05 -12.49 -7.35
CA ALA A 74 -4.87 -11.33 -7.66
C ALA A 74 -6.37 -11.63 -7.62
N ALA A 75 -7.14 -10.57 -7.46
CA ALA A 75 -8.58 -10.63 -7.53
C ALA A 75 -9.12 -9.28 -7.91
N ILE A 76 -10.38 -9.29 -8.30
CA ILE A 76 -11.08 -8.08 -8.75
C ILE A 76 -12.09 -7.67 -7.65
N GLU A 77 -12.01 -6.41 -7.24
CA GLU A 77 -12.94 -5.84 -6.28
C GLU A 77 -14.11 -5.24 -7.07
N LEU A 78 -15.31 -5.54 -6.58
CA LEU A 78 -16.55 -5.04 -7.16
C LEU A 78 -17.17 -4.09 -6.14
N HIS A 79 -17.12 -2.80 -6.46
CA HIS A 79 -17.65 -1.73 -5.64
C HIS A 79 -18.91 -1.21 -6.31
N PRO A 80 -20.07 -1.33 -5.64
CA PRO A 80 -21.31 -0.95 -6.34
C PRO A 80 -21.43 0.55 -6.72
N ALA A 81 -20.74 1.42 -5.97
CA ALA A 81 -20.52 2.81 -6.39
C ALA A 81 -21.85 3.48 -6.78
N LYS A 82 -22.02 3.85 -8.04
CA LYS A 82 -23.16 4.65 -8.51
C LYS A 82 -24.49 3.88 -8.43
N VAL A 83 -24.41 2.56 -8.30
CA VAL A 83 -25.60 1.74 -8.17
C VAL A 83 -26.26 2.02 -6.82
N CYS A 84 -25.48 2.46 -5.84
CA CYS A 84 -26.00 2.75 -4.51
C CYS A 84 -26.90 3.98 -4.49
N LYS A 85 -27.99 3.88 -3.75
CA LYS A 85 -28.98 4.96 -3.60
C LYS A 85 -29.45 5.05 -2.17
N PRO A 86 -29.62 6.28 -1.65
CA PRO A 86 -29.54 7.58 -2.32
C PRO A 86 -28.16 8.19 -2.56
N THR A 87 -27.11 7.64 -1.93
CA THR A 87 -25.75 8.17 -2.06
C THR A 87 -24.80 7.17 -2.72
N SER A 88 -24.16 7.60 -3.80
CA SER A 88 -23.18 6.75 -4.49
C SER A 88 -22.13 6.30 -3.48
N CYS A 89 -21.75 5.03 -3.60
CA CYS A 89 -20.73 4.38 -2.78
C CYS A 89 -21.19 3.95 -1.38
N ILE A 90 -22.43 4.26 -1.02
CA ILE A 90 -22.95 3.91 0.30
C ILE A 90 -23.96 2.78 0.08
N PRO A 91 -23.55 1.51 0.35
CA PRO A 91 -24.28 0.29 -0.07
C PRO A 91 -25.49 -0.09 0.80
N ARG A 92 -26.48 0.81 0.84
CA ARG A 92 -27.75 0.50 1.50
C ARG A 92 -28.42 -0.63 0.71
N ASP A 93 -28.90 -1.63 1.43
CA ASP A 93 -29.59 -2.79 0.82
C ASP A 93 -30.80 -2.32 -0.02
N THR A 94 -30.78 -2.60 -1.31
CA THR A 94 -31.94 -2.33 -2.17
C THR A 94 -32.06 -3.46 -3.19
N LYS A 95 -33.21 -3.50 -3.85
CA LYS A 95 -33.44 -4.50 -4.88
C LYS A 95 -32.36 -4.35 -5.99
N GLU A 96 -32.07 -3.11 -6.36
CA GLU A 96 -31.11 -2.80 -7.41
C GLU A 96 -29.69 -3.15 -6.99
N LEU A 97 -29.37 -2.98 -5.71
CA LEU A 97 -28.03 -3.33 -5.25
C LEU A 97 -27.80 -4.82 -5.38
N ARG A 98 -28.76 -5.62 -4.89
CA ARG A 98 -28.63 -7.08 -4.95
C ARG A 98 -28.52 -7.54 -6.39
N GLU A 99 -29.34 -6.95 -7.26
CA GLU A 99 -29.36 -7.31 -8.68
C GLU A 99 -28.03 -7.10 -9.31
N TRP A 100 -27.37 -6.00 -8.92
CA TRP A 100 -26.07 -5.66 -9.43
C TRP A 100 -25.02 -6.67 -8.92
N TYR A 101 -25.01 -6.99 -7.63
CA TYR A 101 -24.08 -7.98 -7.08
C TYR A 101 -24.21 -9.30 -7.84
N VAL A 102 -25.46 -9.75 -8.00
CA VAL A 102 -25.75 -11.01 -8.70
C VAL A 102 -25.36 -10.96 -10.17
N LYS A 103 -25.66 -9.89 -10.88
CA LYS A 103 -25.25 -9.73 -12.29
C LYS A 103 -23.73 -9.89 -12.43
N MET A 104 -22.99 -9.20 -11.56
CA MET A 104 -21.53 -9.29 -11.59
C MET A 104 -20.99 -10.64 -11.14
N LEU A 105 -21.63 -11.27 -10.16
CA LEU A 105 -21.23 -12.60 -9.74
C LEU A 105 -21.41 -13.62 -10.87
N GLU A 106 -22.53 -13.52 -11.57
CA GLU A 106 -22.80 -14.39 -12.75
C GLU A 106 -21.73 -14.25 -13.83
N GLU A 107 -21.35 -13.00 -14.10
CA GLU A 107 -20.29 -12.68 -15.07
C GLU A 107 -18.94 -13.26 -14.66
N ALA A 108 -18.51 -12.93 -13.44
CA ALA A 108 -17.26 -13.43 -12.88
C ALA A 108 -17.19 -14.97 -12.86
N GLN A 109 -18.29 -15.59 -12.48
CA GLN A 109 -18.32 -17.05 -12.37
C GLN A 109 -18.12 -17.71 -13.73
N SER A 110 -18.80 -17.15 -14.73
CA SER A 110 -18.70 -17.60 -16.11
C SER A 110 -17.28 -17.51 -16.68
N LEU A 111 -16.51 -16.51 -16.24
CA LEU A 111 -15.15 -16.30 -16.72
C LEU A 111 -14.08 -16.74 -15.71
N ASN A 112 -14.50 -17.36 -14.61
CA ASN A 112 -13.59 -17.87 -13.58
C ASN A 112 -12.68 -16.75 -13.02
N ILE A 113 -13.29 -15.62 -12.77
CA ILE A 113 -12.58 -14.45 -12.24
C ILE A 113 -12.82 -14.34 -10.72
N PRO A 114 -11.75 -14.41 -9.93
CA PRO A 114 -11.92 -14.31 -8.48
C PRO A 114 -12.35 -12.87 -8.06
N VAL A 115 -13.41 -12.77 -7.26
CA VAL A 115 -13.95 -11.47 -6.89
C VAL A 115 -14.22 -11.27 -5.41
N PHE A 116 -14.14 -9.99 -4.99
CA PHE A 116 -14.50 -9.55 -3.65
C PHE A 116 -15.57 -8.45 -3.81
N LEU A 117 -16.60 -8.47 -2.99
CA LEU A 117 -17.67 -7.46 -3.05
C LEU A 117 -17.52 -6.43 -1.95
N VAL A 118 -17.57 -5.15 -2.31
CA VAL A 118 -17.70 -4.08 -1.29
C VAL A 118 -19.15 -4.08 -0.82
N ILE A 119 -19.38 -4.50 0.41
CA ILE A 119 -20.73 -4.55 1.02
C ILE A 119 -20.99 -3.57 2.18
N MET A 120 -19.94 -2.92 2.70
CA MET A 120 -20.03 -1.94 3.77
C MET A 120 -19.18 -0.74 3.41
N SER A 121 -19.71 0.46 3.66
CA SER A 121 -18.96 1.69 3.50
C SER A 121 -19.69 2.87 4.15
N ALA A 122 -18.91 3.86 4.54
CA ALA A 122 -19.43 5.17 4.90
C ALA A 122 -20.60 5.15 5.91
N GLY A 123 -20.44 4.33 6.95
CA GLY A 123 -21.36 4.30 8.09
C GLY A 123 -22.71 3.62 7.87
N GLU A 124 -22.92 2.98 6.70
CA GLU A 124 -24.24 2.41 6.39
C GLU A 124 -24.59 1.29 7.34
N ARG A 125 -25.74 1.41 7.97
CA ARG A 125 -26.22 0.45 8.95
C ARG A 125 -27.08 -0.65 8.32
N ASN A 126 -27.75 -0.34 7.21
CA ASN A 126 -28.69 -1.25 6.57
C ASN A 126 -28.10 -1.84 5.32
N THR A 127 -27.10 -2.70 5.52
CA THR A 127 -26.38 -3.35 4.43
C THR A 127 -26.97 -4.74 4.19
N VAL A 128 -26.51 -5.42 3.14
CA VAL A 128 -27.12 -6.73 2.78
C VAL A 128 -27.09 -7.70 3.96
N PRO A 129 -28.16 -8.51 4.10
CA PRO A 129 -28.21 -9.42 5.21
C PRO A 129 -27.09 -10.47 5.20
N PRO A 130 -26.57 -10.85 6.39
CA PRO A 130 -25.61 -11.96 6.43
C PRO A 130 -26.08 -13.24 5.78
N GLU A 131 -27.37 -13.54 5.86
CA GLU A 131 -27.93 -14.73 5.18
C GLU A 131 -27.89 -14.63 3.64
N TRP A 132 -28.09 -13.44 3.10
CA TRP A 132 -27.95 -13.19 1.67
C TRP A 132 -26.52 -13.48 1.23
N LEU A 133 -25.56 -12.99 1.99
CA LEU A 133 -24.15 -13.20 1.64
C LEU A 133 -23.82 -14.69 1.72
N ASP A 134 -24.27 -15.35 2.79
CA ASP A 134 -24.12 -16.81 2.96
C ASP A 134 -24.57 -17.53 1.66
N GLU A 135 -25.77 -17.17 1.18
CA GLU A 135 -26.30 -17.75 -0.05
C GLU A 135 -25.39 -17.57 -1.22
N GLN A 136 -24.77 -16.38 -1.33
CA GLN A 136 -23.93 -16.10 -2.48
C GLN A 136 -22.64 -16.92 -2.39
N PHE A 137 -22.10 -17.08 -1.18
CA PHE A 137 -20.93 -17.95 -0.99
C PHE A 137 -21.23 -19.39 -1.47
N GLN A 138 -22.42 -19.88 -1.13
CA GLN A 138 -22.85 -21.22 -1.52
C GLN A 138 -22.89 -21.40 -3.00
N LYS A 139 -23.39 -20.38 -3.69
CA LYS A 139 -23.65 -20.45 -5.11
C LYS A 139 -22.44 -20.18 -5.98
N TYR A 140 -21.59 -19.23 -5.56
CA TYR A 140 -20.47 -18.74 -6.37
C TYR A 140 -19.09 -19.08 -5.79
N SER A 141 -18.42 -20.03 -6.40
CA SER A 141 -17.04 -20.38 -6.04
C SER A 141 -16.07 -19.21 -6.27
N VAL A 142 -16.41 -18.32 -7.20
CA VAL A 142 -15.54 -17.16 -7.48
C VAL A 142 -15.59 -16.07 -6.43
N LEU A 143 -16.61 -16.11 -5.55
CA LEU A 143 -16.76 -15.13 -4.48
C LEU A 143 -15.77 -15.45 -3.37
N LYS A 144 -14.69 -14.66 -3.28
CA LYS A 144 -13.60 -14.90 -2.33
C LYS A 144 -13.74 -14.19 -0.99
N GLY A 145 -14.67 -13.23 -0.92
CA GLY A 145 -14.87 -12.47 0.27
C GLY A 145 -15.51 -11.12 0.00
N VAL A 146 -15.47 -10.28 1.03
CA VAL A 146 -16.14 -8.98 1.01
C VAL A 146 -15.27 -7.90 1.67
N LEU A 147 -15.58 -6.65 1.36
CA LEU A 147 -14.87 -5.51 1.93
C LEU A 147 -15.79 -4.53 2.66
N ASN A 148 -15.25 -3.97 3.72
CA ASN A 148 -15.75 -2.81 4.43
C ASN A 148 -14.71 -1.69 4.22
N ILE A 149 -15.15 -0.57 3.66
CA ILE A 149 -14.22 0.51 3.28
C ILE A 149 -14.70 1.87 3.77
N GLU A 150 -13.89 2.49 4.63
CA GLU A 150 -13.89 3.93 4.90
C GLU A 150 -15.05 4.39 5.76
N ASN A 151 -14.76 4.68 7.03
CA ASN A 151 -15.79 5.06 8.01
C ASN A 151 -15.34 6.09 9.04
N TYR A 152 -14.10 6.51 8.96
CA TYR A 152 -13.50 7.41 9.95
C TYR A 152 -14.22 8.75 10.08
N TRP A 153 -14.92 9.21 9.04
CA TRP A 153 -15.62 10.50 9.09
C TRP A 153 -17.11 10.33 9.50
N ILE A 154 -17.54 9.09 9.77
CA ILE A 154 -18.97 8.78 9.86
C ILE A 154 -19.18 7.51 10.72
N TYR A 155 -18.44 7.47 11.82
CA TYR A 155 -18.47 6.30 12.71
C TYR A 155 -19.84 6.16 13.41
N ASN A 156 -20.28 4.91 13.57
CA ASN A 156 -21.37 4.58 14.51
C ASN A 156 -21.09 3.22 15.15
N ASN A 157 -21.84 2.89 16.21
CA ASN A 157 -21.59 1.69 16.98
C ASN A 157 -22.11 0.38 16.34
N GLN A 158 -22.70 0.44 15.15
CA GLN A 158 -23.11 -0.78 14.44
C GLN A 158 -22.08 -1.36 13.50
N LEU A 159 -21.09 -0.56 13.11
CA LEU A 159 -20.10 -0.97 12.13
C LEU A 159 -19.26 -2.17 12.60
N ALA A 160 -18.78 -2.13 13.84
CA ALA A 160 -17.95 -3.23 14.35
C ALA A 160 -18.78 -4.53 14.49
N PRO A 161 -19.92 -4.48 15.20
CA PRO A 161 -20.72 -5.73 15.29
C PRO A 161 -21.21 -6.28 13.94
N HIS A 162 -21.63 -5.39 13.04
CA HIS A 162 -22.00 -5.85 11.70
C HIS A 162 -20.83 -6.53 11.01
N SER A 163 -19.65 -5.92 11.07
CA SER A 163 -18.46 -6.51 10.46
C SER A 163 -18.16 -7.89 11.06
N ALA A 164 -18.33 -8.02 12.39
CA ALA A 164 -18.10 -9.27 13.09
C ALA A 164 -18.99 -10.39 12.51
N LYS A 165 -20.25 -10.07 12.28
CA LYS A 165 -21.20 -11.05 11.76
C LYS A 165 -20.83 -11.47 10.37
N TYR A 166 -20.41 -10.51 9.55
CA TYR A 166 -20.00 -10.85 8.19
C TYR A 166 -18.73 -11.68 8.20
N LEU A 167 -17.82 -11.36 9.13
CA LEU A 167 -16.61 -12.14 9.31
C LEU A 167 -16.90 -13.63 9.62
N GLU A 168 -17.87 -13.85 10.50
CA GLU A 168 -18.30 -15.21 10.84
C GLU A 168 -18.82 -15.94 9.60
N VAL A 169 -19.57 -15.24 8.75
CA VAL A 169 -20.05 -15.82 7.48
C VAL A 169 -18.86 -16.19 6.58
N CYS A 170 -17.91 -15.26 6.48
CA CYS A 170 -16.69 -15.51 5.73
C CYS A 170 -15.98 -16.76 6.25
N ALA A 171 -15.86 -16.88 7.57
CA ALA A 171 -15.17 -18.03 8.19
C ALA A 171 -15.87 -19.35 7.81
N LYS A 172 -17.20 -19.32 7.72
CA LYS A 172 -17.97 -20.51 7.33
C LYS A 172 -17.54 -21.09 5.96
N TYR A 173 -17.16 -20.20 5.05
CA TYR A 173 -16.95 -20.53 3.65
C TYR A 173 -15.49 -20.41 3.23
N GLY A 174 -14.59 -20.25 4.20
CA GLY A 174 -13.15 -20.13 3.90
C GLY A 174 -12.79 -18.83 3.17
N ALA A 175 -13.60 -17.80 3.36
CA ALA A 175 -13.48 -16.53 2.65
C ALA A 175 -12.77 -15.50 3.52
N HIS A 176 -12.48 -14.33 2.93
CA HIS A 176 -11.85 -13.25 3.71
C HIS A 176 -12.74 -12.00 3.84
N PHE A 177 -12.72 -11.40 5.02
CA PHE A 177 -13.36 -10.12 5.31
C PHE A 177 -12.21 -9.11 5.35
N ILE A 178 -12.24 -8.13 4.46
CA ILE A 178 -11.18 -7.10 4.35
C ILE A 178 -11.74 -5.73 4.72
N TRP A 179 -11.19 -5.16 5.79
CA TRP A 179 -11.60 -3.85 6.29
C TRP A 179 -10.50 -2.80 6.11
N HIS A 180 -10.76 -1.86 5.21
CA HIS A 180 -9.90 -0.69 4.92
C HIS A 180 -10.41 0.50 5.72
N ASP A 181 -9.55 1.04 6.57
CA ASP A 181 -9.93 2.21 7.36
C ASP A 181 -8.69 2.87 7.91
N HIS A 182 -8.87 3.99 8.62
CA HIS A 182 -7.76 4.85 8.97
C HIS A 182 -7.99 5.62 10.26
N GLU A 183 -6.87 6.09 10.79
CA GLU A 183 -6.78 6.96 11.96
C GLU A 183 -6.64 6.20 13.29
N LYS A 184 -5.88 6.76 14.22
CA LYS A 184 -5.50 6.01 15.42
C LYS A 184 -6.74 5.82 16.31
N TRP A 185 -7.44 6.92 16.58
CA TRP A 185 -8.63 6.87 17.45
C TRP A 185 -9.65 5.86 16.90
N PHE A 186 -9.76 5.79 15.56
CA PHE A 186 -10.76 4.97 14.90
C PHE A 186 -10.47 3.49 15.08
N TRP A 187 -9.25 3.07 14.72
CA TRP A 187 -8.89 1.67 14.92
C TRP A 187 -8.87 1.30 16.41
N GLU A 188 -8.51 2.23 17.29
CA GLU A 188 -8.59 1.95 18.72
C GLU A 188 -10.05 1.64 19.09
N THR A 189 -10.95 2.40 18.50
CA THR A 189 -12.38 2.29 18.84
C THR A 189 -12.95 0.95 18.30
N ILE A 190 -12.58 0.58 17.07
CA ILE A 190 -13.04 -0.67 16.48
C ILE A 190 -12.68 -1.88 17.35
N MET A 191 -11.42 -1.99 17.78
CA MET A 191 -10.97 -3.18 18.48
C MET A 191 -11.34 -3.19 19.97
N ASN A 192 -11.85 -2.04 20.46
CA ASN A 192 -12.45 -1.96 21.79
C ASN A 192 -13.86 -2.51 21.84
N ASP A 193 -14.49 -2.63 20.67
CA ASP A 193 -15.81 -3.26 20.56
C ASP A 193 -15.75 -4.72 20.96
N PRO A 194 -16.54 -5.13 21.98
CA PRO A 194 -16.43 -6.51 22.46
C PRO A 194 -16.78 -7.55 21.41
N THR A 195 -17.79 -7.27 20.61
CA THR A 195 -18.22 -8.20 19.56
C THR A 195 -17.13 -8.40 18.51
N PHE A 196 -16.53 -7.32 18.05
CA PHE A 196 -15.49 -7.42 17.03
C PHE A 196 -14.16 -7.97 17.57
N PHE A 197 -13.82 -7.60 18.79
CA PHE A 197 -12.63 -8.17 19.45
C PHE A 197 -12.75 -9.68 19.59
N GLU A 198 -13.94 -10.14 20.00
CA GLU A 198 -14.17 -11.57 20.11
C GLU A 198 -14.08 -12.26 18.75
N ALA A 199 -14.72 -11.67 17.75
CA ALA A 199 -14.77 -12.26 16.44
C ALA A 199 -13.37 -12.33 15.85
N SER A 200 -12.56 -11.31 16.12
CA SER A 200 -11.16 -11.28 15.63
C SER A 200 -10.31 -12.41 16.25
N GLN A 201 -10.45 -12.62 17.54
CA GLN A 201 -9.78 -13.72 18.23
C GLN A 201 -10.19 -15.09 17.66
N LYS A 202 -11.47 -15.23 17.28
CA LYS A 202 -11.97 -16.48 16.71
C LYS A 202 -11.62 -16.66 15.23
N TYR A 203 -11.78 -15.61 14.43
CA TYR A 203 -11.75 -15.71 12.98
C TYR A 203 -10.61 -14.92 12.36
N HIS A 204 -9.52 -14.76 13.10
CA HIS A 204 -8.29 -14.08 12.60
C HIS A 204 -7.81 -14.62 11.25
N LYS A 205 -7.95 -15.94 11.01
CA LYS A 205 -7.55 -16.52 9.72
C LYS A 205 -8.23 -15.81 8.54
N ASN A 206 -9.49 -15.42 8.75
CA ASN A 206 -10.33 -14.92 7.66
C ASN A 206 -10.38 -13.39 7.62
N LEU A 207 -9.67 -12.76 8.53
CA LEU A 207 -9.70 -11.31 8.64
C LEU A 207 -8.42 -10.68 8.08
N VAL A 208 -8.63 -9.65 7.27
CA VAL A 208 -7.61 -8.69 6.86
C VAL A 208 -7.98 -7.28 7.34
N LEU A 209 -7.11 -6.68 8.13
CA LEU A 209 -7.26 -5.26 8.51
C LEU A 209 -6.23 -4.45 7.75
N ALA A 210 -6.66 -3.30 7.25
CA ALA A 210 -5.86 -2.55 6.32
C ALA A 210 -6.09 -1.06 6.40
N THR A 211 -5.06 -0.33 6.01
CA THR A 211 -5.08 1.11 6.08
C THR A 211 -5.82 1.73 4.91
N LYS A 212 -6.07 3.03 4.97
CA LYS A 212 -6.61 3.79 3.85
C LYS A 212 -6.32 5.26 4.10
N ASN A 213 -5.17 5.70 3.58
CA ASN A 213 -4.57 6.97 3.96
C ASN A 213 -5.09 8.21 3.26
N THR A 214 -6.25 8.08 2.64
CA THR A 214 -7.07 9.19 2.19
C THR A 214 -7.11 10.50 3.01
N PRO A 215 -7.38 10.41 4.34
CA PRO A 215 -7.67 11.62 5.10
C PRO A 215 -6.46 12.39 5.57
N ILE A 216 -5.29 12.04 5.07
CA ILE A 216 -4.06 12.80 5.28
C ILE A 216 -3.84 13.14 6.75
N ARG A 217 -3.96 12.09 7.55
CA ARG A 217 -3.71 12.15 8.99
C ARG A 217 -3.28 10.78 9.46
N ASP A 218 -2.46 10.74 10.52
CA ASP A 218 -2.21 9.51 11.29
C ASP A 218 -1.59 8.39 10.46
N ASP A 219 -0.83 8.73 9.44
CA ASP A 219 -0.25 7.68 8.57
C ASP A 219 0.71 6.73 9.32
N ALA A 220 1.57 7.29 10.18
CA ALA A 220 2.53 6.46 10.93
C ALA A 220 1.77 5.64 11.99
N GLY A 221 0.92 6.32 12.76
CA GLY A 221 0.16 5.64 13.82
C GLY A 221 -0.76 4.54 13.28
N THR A 222 -1.34 4.77 12.11
CA THR A 222 -2.22 3.78 11.52
C THR A 222 -1.40 2.54 11.13
N ASP A 223 -0.25 2.72 10.51
CA ASP A 223 0.62 1.60 10.18
C ASP A 223 1.02 0.81 11.43
N SER A 224 1.32 1.53 12.50
CA SER A 224 1.72 0.86 13.73
C SER A 224 0.56 0.06 14.37
N ILE A 225 -0.62 0.64 14.41
CA ILE A 225 -1.75 -0.04 15.04
C ILE A 225 -2.28 -1.23 14.21
N VAL A 226 -2.41 -1.02 12.91
CA VAL A 226 -2.93 -2.09 12.03
C VAL A 226 -1.93 -3.25 11.95
N SER A 227 -0.65 -2.96 11.71
CA SER A 227 0.36 -4.01 11.72
C SER A 227 0.44 -4.64 13.10
N GLY A 228 0.20 -3.84 14.14
CA GLY A 228 0.15 -4.35 15.54
C GLY A 228 -0.98 -5.35 15.77
N PHE A 229 -2.12 -5.16 15.10
CA PHE A 229 -3.24 -6.12 15.19
C PHE A 229 -2.77 -7.47 14.64
N TRP A 230 -2.06 -7.44 13.52
CA TRP A 230 -1.52 -8.64 12.91
C TRP A 230 -0.52 -9.33 13.86
N LEU A 231 0.41 -8.56 14.40
CA LEU A 231 1.40 -9.08 15.37
C LEU A 231 0.78 -9.65 16.63
N SER A 232 -0.38 -9.10 17.01
CA SER A 232 -1.14 -9.51 18.20
C SER A 232 -2.05 -10.74 17.98
N GLY A 233 -2.08 -11.27 16.76
CA GLY A 233 -2.91 -12.43 16.41
C GLY A 233 -4.39 -12.17 16.16
N LEU A 234 -4.77 -10.90 15.96
CA LEU A 234 -6.17 -10.54 15.73
C LEU A 234 -6.58 -10.60 14.27
N CYS A 235 -5.59 -10.58 13.38
CA CYS A 235 -5.84 -10.84 11.96
C CYS A 235 -4.61 -11.53 11.38
N ASP A 236 -4.83 -12.45 10.45
CA ASP A 236 -3.70 -13.22 9.86
C ASP A 236 -2.91 -12.47 8.79
N ASN A 237 -3.50 -11.40 8.27
CA ASN A 237 -2.91 -10.57 7.27
C ASN A 237 -3.32 -9.10 7.50
N TRP A 238 -2.42 -8.21 7.17
CA TRP A 238 -2.74 -6.79 7.07
C TRP A 238 -2.30 -6.20 5.73
N GLY A 239 -2.76 -4.98 5.46
CA GLY A 239 -2.36 -4.33 4.23
C GLY A 239 -2.87 -2.92 4.12
N SER A 240 -3.10 -2.52 2.89
CA SER A 240 -3.38 -1.10 2.60
C SER A 240 -4.30 -0.91 1.41
N SER A 241 -5.06 0.18 1.47
CA SER A 241 -5.60 0.81 0.27
C SER A 241 -4.81 2.10 0.09
N THR A 242 -4.00 2.12 -0.96
CA THR A 242 -3.14 3.23 -1.30
C THR A 242 -3.95 4.16 -2.17
N ASP A 243 -4.25 5.34 -1.64
CA ASP A 243 -5.24 6.22 -2.28
C ASP A 243 -4.61 7.51 -2.82
N THR A 244 -4.59 7.62 -4.14
CA THR A 244 -4.02 8.80 -4.80
C THR A 244 -4.87 10.07 -4.64
N TRP A 245 -6.12 9.92 -4.20
CA TRP A 245 -6.91 11.08 -3.75
C TRP A 245 -6.22 11.84 -2.63
N LYS A 246 -5.24 11.25 -1.95
CA LYS A 246 -4.47 12.03 -0.98
C LYS A 246 -3.84 13.28 -1.62
N TRP A 247 -3.46 13.15 -2.88
CA TRP A 247 -2.82 14.25 -3.64
C TRP A 247 -3.80 15.44 -3.79
N TRP A 248 -5.06 15.11 -4.03
CA TRP A 248 -6.15 16.10 -4.02
C TRP A 248 -6.37 16.70 -2.62
N GLU A 249 -6.39 15.85 -1.59
CA GLU A 249 -6.59 16.27 -0.20
C GLU A 249 -5.53 17.31 0.22
N LYS A 250 -4.31 17.17 -0.30
CA LYS A 250 -3.17 18.06 0.01
C LYS A 250 -3.16 19.34 -0.81
N HIS A 251 -4.09 19.40 -1.78
CA HIS A 251 -4.21 20.52 -2.74
C HIS A 251 -3.05 20.54 -3.71
N TYR A 252 -2.42 19.39 -3.92
CA TYR A 252 -1.32 19.25 -4.85
C TYR A 252 -1.84 19.07 -6.28
N THR A 253 -1.00 19.43 -7.26
CA THR A 253 -1.39 19.44 -8.67
C THR A 253 -0.24 18.78 -9.47
N ASN A 254 0.32 19.44 -10.49
CA ASN A 254 1.47 18.85 -11.21
C ASN A 254 2.64 18.63 -10.23
N THR A 255 3.49 17.66 -10.52
CA THR A 255 4.61 17.37 -9.61
C THR A 255 5.42 18.65 -9.31
N PHE A 256 5.60 18.88 -8.00
CA PHE A 256 6.32 20.02 -7.40
C PHE A 256 5.64 21.41 -7.55
N GLU A 257 4.51 21.47 -8.25
CA GLU A 257 3.82 22.71 -8.52
C GLU A 257 3.10 23.27 -7.30
N THR A 258 3.14 24.59 -7.16
CA THR A 258 2.37 25.31 -6.15
C THR A 258 1.50 26.38 -6.86
N GLY A 259 0.43 26.77 -6.18
CA GLY A 259 -0.37 27.89 -6.61
C GLY A 259 -1.42 27.57 -7.64
N ARG A 260 -1.62 26.29 -7.94
CA ARG A 260 -2.71 25.92 -8.84
C ARG A 260 -3.86 25.33 -8.06
N ALA A 261 -5.09 25.70 -8.44
CA ALA A 261 -6.27 25.08 -7.82
C ALA A 261 -6.33 23.57 -8.11
N ARG A 262 -6.59 22.78 -7.09
CA ARG A 262 -6.82 21.35 -7.30
C ARG A 262 -8.05 21.03 -8.09
N ASP A 263 -8.05 19.85 -8.71
CA ASP A 263 -9.23 19.27 -9.35
C ASP A 263 -9.02 17.79 -9.54
N MET A 264 -9.90 17.09 -10.26
CA MET A 264 -9.80 15.63 -10.35
C MET A 264 -8.46 15.18 -10.88
N ARG A 265 -7.81 16.02 -11.68
CA ARG A 265 -6.51 15.70 -12.21
C ARG A 265 -5.46 15.44 -11.10
N SER A 266 -5.72 15.97 -9.93
CA SER A 266 -4.88 15.72 -8.75
C SER A 266 -4.85 14.26 -8.36
N TYR A 267 -5.94 13.52 -8.53
CA TYR A 267 -5.86 12.08 -8.22
C TYR A 267 -5.06 11.25 -9.26
N ALA A 268 -4.73 11.89 -10.37
CA ALA A 268 -3.91 11.29 -11.41
C ALA A 268 -2.47 11.85 -11.42
N SER A 269 -2.08 12.47 -10.31
CA SER A 269 -0.79 13.17 -10.23
C SER A 269 0.17 12.69 -9.15
N GLU A 270 -0.24 11.75 -8.32
CA GLU A 270 0.72 11.18 -7.35
C GLU A 270 1.73 10.39 -8.20
N PRO A 271 3.05 10.64 -8.04
CA PRO A 271 4.05 9.91 -8.84
C PRO A 271 3.89 8.39 -8.80
N GLU A 272 4.01 7.77 -9.96
CA GLU A 272 3.78 6.32 -10.09
C GLU A 272 4.68 5.52 -9.15
N SER A 273 5.97 5.85 -9.14
CA SER A 273 6.92 5.16 -8.25
C SER A 273 6.58 5.41 -6.75
N MET A 274 5.95 6.55 -6.46
CA MET A 274 5.61 6.83 -5.06
C MET A 274 4.48 5.88 -4.58
N ILE A 275 3.59 5.48 -5.50
CA ILE A 275 2.57 4.44 -5.22
C ILE A 275 3.30 3.16 -4.75
N ALA A 276 4.36 2.80 -5.47
CA ALA A 276 5.15 1.65 -5.12
C ALA A 276 5.88 1.86 -3.77
N MET A 277 6.32 3.09 -3.49
CA MET A 277 6.95 3.36 -2.17
C MET A 277 5.93 3.16 -1.01
N GLU A 278 4.68 3.57 -1.22
CA GLU A 278 3.61 3.30 -0.26
C GLU A 278 3.45 1.79 -0.04
N MET A 279 3.45 1.04 -1.15
CA MET A 279 3.43 -0.43 -1.07
C MET A 279 4.64 -0.98 -0.32
N MET A 280 5.83 -0.39 -0.54
CA MET A 280 7.02 -0.84 0.17
C MET A 280 6.88 -0.70 1.70
N ASN A 281 6.25 0.38 2.18
CA ASN A 281 5.98 0.54 3.60
C ASN A 281 5.16 -0.62 4.19
N VAL A 282 4.22 -1.15 3.42
CA VAL A 282 3.35 -2.26 3.84
C VAL A 282 4.17 -3.56 3.80
N TYR A 283 4.74 -3.82 2.63
CA TYR A 283 5.59 -5.01 2.41
C TYR A 283 6.65 -5.18 3.50
N THR A 284 7.48 -4.15 3.71
CA THR A 284 8.54 -4.27 4.72
C THR A 284 8.04 -4.37 6.17
N GLY A 285 6.77 -4.02 6.40
CA GLY A 285 6.13 -4.19 7.71
C GLY A 285 5.41 -5.53 7.86
N GLY A 286 5.58 -6.43 6.90
CA GLY A 286 4.92 -7.73 6.95
C GLY A 286 3.54 -7.81 6.27
N GLY A 287 3.12 -6.72 5.64
CA GLY A 287 1.81 -6.66 5.01
C GLY A 287 1.80 -7.49 3.75
N THR A 288 0.60 -7.92 3.37
CA THR A 288 0.42 -8.87 2.28
C THR A 288 -0.78 -8.63 1.38
N VAL A 289 -1.54 -7.57 1.63
CA VAL A 289 -2.72 -7.27 0.81
C VAL A 289 -2.63 -5.80 0.34
N TYR A 290 -2.76 -5.62 -0.96
CA TYR A 290 -2.62 -4.31 -1.61
C TYR A 290 -3.81 -3.96 -2.45
N ASN A 291 -4.38 -2.79 -2.15
CA ASN A 291 -5.56 -2.25 -2.86
C ASN A 291 -5.27 -0.78 -3.17
N PHE A 292 -6.05 -0.22 -4.11
CA PHE A 292 -5.76 1.11 -4.68
C PHE A 292 -6.99 1.90 -5.08
N GLU A 293 -6.87 3.22 -4.95
CA GLU A 293 -7.76 4.24 -5.53
C GLU A 293 -6.82 5.38 -5.97
N CYS A 294 -7.23 6.26 -6.88
CA CYS A 294 -8.42 6.18 -7.72
C CYS A 294 -8.12 5.39 -8.99
N ALA A 295 -8.97 4.41 -9.29
CA ALA A 295 -8.75 3.40 -10.30
C ALA A 295 -8.61 3.95 -11.70
N ALA A 296 -9.19 5.12 -11.96
CA ALA A 296 -9.01 5.74 -13.27
C ALA A 296 -7.53 6.08 -13.51
N TYR A 297 -6.78 6.29 -12.43
CA TYR A 297 -5.35 6.50 -12.48
C TYR A 297 -4.56 5.21 -12.25
N THR A 298 -4.93 4.52 -11.18
CA THR A 298 -4.14 3.41 -10.63
C THR A 298 -4.40 2.06 -11.32
N PHE A 299 -5.46 1.95 -12.12
CA PHE A 299 -5.79 0.67 -12.74
C PHE A 299 -5.99 0.77 -14.25
N MET A 300 -7.12 1.34 -14.68
CA MET A 300 -7.56 1.18 -16.06
C MET A 300 -8.72 2.17 -16.36
N THR A 301 -8.77 2.67 -17.59
CA THR A 301 -9.98 3.30 -18.13
C THR A 301 -10.20 2.74 -19.53
N ASN A 302 -11.47 2.55 -19.87
CA ASN A 302 -11.83 1.97 -21.18
C ASN A 302 -11.06 0.68 -21.48
N ASP A 303 -10.88 -0.13 -20.41
CA ASP A 303 -10.13 -1.40 -20.51
C ASP A 303 -8.67 -1.28 -20.96
N VAL A 304 -8.11 -0.08 -20.89
CA VAL A 304 -6.71 0.16 -21.21
C VAL A 304 -5.97 0.38 -19.88
N PRO A 305 -5.15 -0.58 -19.46
CA PRO A 305 -4.38 -0.34 -18.21
C PRO A 305 -3.42 0.85 -18.28
N THR A 306 -3.31 1.53 -17.17
CA THR A 306 -2.54 2.78 -17.08
C THR A 306 -1.08 2.49 -16.72
N PRO A 307 -0.17 3.42 -17.08
CA PRO A 307 1.21 3.29 -16.64
C PRO A 307 1.39 3.23 -15.10
N ALA A 308 0.53 3.89 -14.29
CA ALA A 308 0.63 3.74 -12.81
C ALA A 308 0.49 2.26 -12.45
N PHE A 309 -0.46 1.60 -13.12
CA PHE A 309 -0.63 0.15 -12.98
C PHE A 309 0.54 -0.67 -13.52
N THR A 310 0.84 -0.52 -14.81
CA THR A 310 1.80 -1.41 -15.46
C THR A 310 3.25 -1.17 -15.04
N LYS A 311 3.59 0.07 -14.73
CA LYS A 311 4.96 0.47 -14.43
C LYS A 311 5.17 1.00 -13.00
N GLY A 312 4.10 1.07 -12.20
CA GLY A 312 4.21 1.43 -10.77
C GLY A 312 3.81 0.26 -9.84
N ILE A 313 2.53 -0.10 -9.87
CA ILE A 313 1.99 -1.13 -8.99
C ILE A 313 2.54 -2.52 -9.38
N ILE A 314 2.40 -2.91 -10.65
CA ILE A 314 2.80 -4.26 -11.06
C ILE A 314 4.27 -4.57 -10.76
N PRO A 315 5.21 -3.66 -11.11
CA PRO A 315 6.61 -4.05 -10.77
C PRO A 315 6.86 -4.30 -9.28
N PHE A 316 6.26 -3.48 -8.39
CA PHE A 316 6.48 -3.71 -6.97
C PHE A 316 5.74 -4.97 -6.48
N PHE A 317 4.53 -5.20 -6.98
CA PHE A 317 3.83 -6.40 -6.60
C PHE A 317 4.60 -7.65 -7.03
N ARG A 318 5.22 -7.60 -8.20
CA ARG A 318 6.07 -8.73 -8.64
C ARG A 318 7.25 -8.96 -7.71
N HIS A 319 7.86 -7.87 -7.23
CA HIS A 319 8.89 -7.97 -6.23
C HIS A 319 8.34 -8.74 -5.03
N ALA A 320 7.13 -8.38 -4.60
CA ALA A 320 6.52 -9.04 -3.41
C ALA A 320 6.16 -10.53 -3.63
N ILE A 321 5.88 -10.92 -4.88
CA ILE A 321 5.63 -12.31 -5.22
C ILE A 321 6.94 -13.09 -5.20
N GLN A 322 7.97 -12.50 -5.77
CA GLN A 322 9.25 -13.17 -5.97
C GLN A 322 10.11 -13.23 -4.71
N ASN A 323 9.88 -12.29 -3.80
CA ASN A 323 10.64 -12.11 -2.56
C ASN A 323 9.64 -11.95 -1.39
N PRO A 324 9.32 -13.07 -0.71
CA PRO A 324 8.31 -13.00 0.33
C PRO A 324 8.59 -11.91 1.37
N ALA A 325 7.55 -11.17 1.74
CA ALA A 325 7.67 -10.14 2.72
C ALA A 325 8.18 -10.75 4.04
N PRO A 326 8.68 -9.91 4.97
CA PRO A 326 9.01 -10.45 6.29
C PRO A 326 7.84 -11.23 6.91
N SER A 327 8.11 -12.42 7.38
CA SER A 327 7.12 -13.21 8.09
C SER A 327 6.75 -12.60 9.43
N LYS A 328 5.66 -13.06 10.04
CA LYS A 328 5.31 -12.60 11.37
C LYS A 328 6.47 -12.78 12.35
N GLU A 329 7.06 -13.96 12.34
CA GLU A 329 8.19 -14.22 13.23
C GLU A 329 9.43 -13.36 12.93
N GLU A 330 9.68 -13.04 11.67
CA GLU A 330 10.79 -12.14 11.34
C GLU A 330 10.50 -10.72 11.92
N VAL A 331 9.25 -10.28 11.82
CA VAL A 331 8.89 -8.96 12.33
C VAL A 331 9.00 -8.95 13.85
N VAL A 332 8.42 -9.96 14.49
CA VAL A 332 8.54 -10.13 15.95
C VAL A 332 10.01 -10.07 16.38
N ASN A 333 10.85 -10.83 15.68
CA ASN A 333 12.23 -10.99 16.13
C ASN A 333 13.09 -9.79 15.98
N ARG A 334 12.79 -8.93 15.01
CA ARG A 334 13.54 -7.68 14.82
C ARG A 334 13.07 -6.53 15.72
N THR A 335 11.95 -6.72 16.42
CA THR A 335 11.31 -5.66 17.17
C THR A 335 11.97 -5.52 18.53
N LYS A 336 12.58 -4.38 18.77
CA LYS A 336 13.24 -4.09 20.06
C LYS A 336 12.36 -3.37 21.11
N ALA A 337 11.31 -2.69 20.64
CA ALA A 337 10.34 -2.05 21.51
C ALA A 337 8.98 -2.04 20.84
N VAL A 338 7.94 -2.06 21.66
CA VAL A 338 6.58 -1.81 21.21
C VAL A 338 5.99 -0.72 22.10
N PHE A 339 4.98 -0.02 21.57
CA PHE A 339 4.18 0.91 22.39
C PHE A 339 2.84 0.24 22.70
N TRP A 340 2.55 0.10 23.97
CA TRP A 340 1.29 -0.49 24.39
C TRP A 340 0.35 0.64 24.81
N ASN A 341 -0.86 0.61 24.23
CA ASN A 341 -1.93 1.57 24.55
C ASN A 341 -2.58 1.42 25.92
N GLY A 342 -2.07 0.50 26.73
CA GLY A 342 -2.73 0.16 27.99
C GLY A 342 -2.71 1.21 29.08
N GLU A 343 -1.83 2.21 29.02
CA GLU A 343 -1.80 3.26 30.05
C GLU A 343 -1.93 4.66 29.43
N GLY A 344 -2.77 4.74 28.39
CA GLY A 344 -2.83 5.94 27.55
C GLY A 344 -2.46 5.61 26.11
N ARG A 345 -3.20 6.18 25.16
CA ARG A 345 -3.22 5.66 23.80
C ARG A 345 -2.41 6.51 22.86
N ILE A 346 -1.89 5.87 21.80
CA ILE A 346 -1.10 6.54 20.76
C ILE A 346 -1.88 7.70 20.12
N SER A 347 -3.20 7.57 19.99
CA SER A 347 -4.06 8.68 19.55
C SER A 347 -3.90 9.97 20.38
N SER A 348 -3.40 9.86 21.63
CA SER A 348 -3.12 11.03 22.50
C SER A 348 -1.68 11.59 22.45
N LEU A 349 -0.82 10.98 21.64
CA LEU A 349 0.58 11.38 21.50
C LEU A 349 0.87 11.86 20.08
N ASN A 350 0.41 13.04 19.73
CA ASN A 350 0.48 13.49 18.32
C ASN A 350 1.92 13.74 17.79
N GLY A 351 2.90 13.94 18.67
CA GLY A 351 4.28 14.09 18.20
C GLY A 351 5.14 12.83 18.30
N PHE A 352 4.51 11.67 18.52
CA PHE A 352 5.29 10.49 18.83
C PHE A 352 6.34 10.21 17.75
N TYR A 353 5.98 10.30 16.47
CA TYR A 353 6.90 9.84 15.41
C TYR A 353 7.94 10.88 14.99
N GLN A 354 7.76 12.10 15.44
CA GLN A 354 8.75 13.18 15.23
C GLN A 354 10.06 12.78 15.89
N GLY A 355 11.16 13.07 15.20
CA GLY A 355 12.47 12.68 15.70
C GLY A 355 12.82 11.22 15.55
N LEU A 356 11.83 10.37 15.25
CA LEU A 356 12.09 8.96 15.03
C LEU A 356 12.06 8.65 13.54
N TYR A 357 10.87 8.66 12.95
CA TYR A 357 10.79 8.28 11.57
C TYR A 357 9.72 8.88 10.69
N SER A 358 8.90 9.79 11.21
CA SER A 358 8.00 10.55 10.35
C SER A 358 7.83 11.93 10.91
N ASN A 359 8.22 12.91 10.11
CA ASN A 359 8.03 14.30 10.47
C ASN A 359 6.65 14.79 10.11
N ASP A 360 5.90 13.99 9.33
CA ASP A 360 4.64 14.45 8.74
C ASP A 360 3.68 13.28 8.53
N GLU A 361 2.79 13.07 9.50
CA GLU A 361 1.83 11.96 9.41
C GLU A 361 0.70 12.22 8.42
N THR A 362 0.64 13.40 7.80
CA THR A 362 -0.35 13.64 6.77
C THR A 362 0.00 12.89 5.47
N MET A 363 1.26 12.47 5.35
CA MET A 363 1.79 11.80 4.17
C MET A 363 2.50 10.49 4.51
N PRO A 364 2.55 9.56 3.55
CA PRO A 364 2.95 8.18 3.90
C PRO A 364 4.43 7.88 4.04
N LEU A 365 5.28 8.66 3.35
CA LEU A 365 6.70 8.35 3.29
C LEU A 365 7.35 8.51 4.67
N TYR A 366 8.20 7.55 5.00
CA TYR A 366 9.00 7.60 6.21
C TYR A 366 10.37 8.21 5.90
N ASN A 367 10.92 8.95 6.86
CA ASN A 367 12.25 9.53 6.69
C ASN A 367 13.38 8.54 6.99
N ASN A 368 13.11 7.66 7.96
CA ASN A 368 14.08 6.78 8.62
C ASN A 368 13.54 5.36 8.65
N GLY A 369 14.40 4.39 8.34
CA GLY A 369 14.08 2.96 8.49
C GLY A 369 14.71 2.29 9.67
N ARG A 370 15.37 3.07 10.52
CA ARG A 370 16.10 2.55 11.68
C ARG A 370 15.27 1.71 12.68
N TYR A 371 13.98 2.03 12.82
CA TYR A 371 13.11 1.42 13.85
C TYR A 371 12.06 0.53 13.22
N HIS A 372 12.13 0.38 11.88
CA HIS A 372 11.05 -0.25 11.10
C HIS A 372 9.76 0.53 11.35
N ILE A 373 8.62 -0.11 11.18
CA ILE A 373 7.35 0.37 11.79
C ILE A 373 7.39 -0.08 13.26
N LEU A 374 7.32 0.87 14.19
CA LEU A 374 7.23 0.51 15.61
C LEU A 374 5.80 0.00 15.93
N PRO A 375 5.67 -1.24 16.34
CA PRO A 375 4.30 -1.71 16.60
C PRO A 375 3.61 -1.01 17.75
N VAL A 376 2.33 -0.70 17.56
CA VAL A 376 1.50 -0.24 18.66
C VAL A 376 0.54 -1.40 18.98
N ILE A 377 0.51 -1.79 20.24
CA ILE A 377 -0.33 -2.87 20.70
C ILE A 377 -1.57 -2.28 21.38
N HIS A 378 -2.71 -2.84 21.03
CA HIS A 378 -4.00 -2.35 21.47
C HIS A 378 -4.23 -2.64 22.96
N GLU A 379 -4.97 -1.76 23.60
CA GLU A 379 -5.24 -1.89 25.04
C GLU A 379 -5.92 -3.21 25.45
N LYS A 380 -6.67 -3.83 24.53
CA LYS A 380 -7.36 -5.10 24.83
C LYS A 380 -6.42 -6.32 24.93
N ILE A 381 -5.17 -6.15 24.50
CA ILE A 381 -4.13 -7.16 24.67
C ILE A 381 -3.42 -6.91 26.01
N ASP A 382 -3.40 -7.94 26.87
CA ASP A 382 -2.83 -7.81 28.21
C ASP A 382 -1.32 -7.67 28.14
N LYS A 383 -0.75 -7.03 29.13
CA LYS A 383 0.68 -6.83 29.14
C LYS A 383 1.46 -8.17 29.17
N GLU A 384 0.91 -9.17 29.87
CA GLU A 384 1.48 -10.52 29.95
C GLU A 384 1.55 -11.18 28.57
N LYS A 385 0.51 -10.96 27.76
CA LYS A 385 0.47 -11.49 26.39
C LYS A 385 1.54 -10.83 25.52
N ILE A 386 1.78 -9.53 25.73
CA ILE A 386 2.82 -8.81 24.96
C ILE A 386 4.18 -9.43 25.26
N SER A 387 4.42 -9.62 26.56
CA SER A 387 5.64 -10.25 27.06
C SER A 387 5.83 -11.64 26.40
N SER A 388 4.75 -12.37 26.22
CA SER A 388 4.76 -13.68 25.63
C SER A 388 5.04 -13.66 24.13
N ILE A 389 4.51 -12.64 23.43
CA ILE A 389 4.70 -12.51 21.98
C ILE A 389 6.09 -11.93 21.61
N PHE A 390 6.53 -10.94 22.41
CA PHE A 390 7.77 -10.19 22.19
C PHE A 390 8.68 -10.29 23.46
N PRO A 391 9.14 -11.50 23.79
CA PRO A 391 9.85 -11.62 25.08
C PRO A 391 11.10 -10.72 25.19
N ASN A 392 11.68 -10.36 24.05
CA ASN A 392 12.87 -9.54 24.05
C ASN A 392 12.66 -8.06 23.81
N ALA A 393 11.41 -7.63 23.61
CA ALA A 393 11.11 -6.21 23.38
C ALA A 393 10.81 -5.42 24.65
N LYS A 394 11.25 -4.16 24.71
CA LYS A 394 10.81 -3.25 25.77
C LYS A 394 9.36 -2.91 25.49
N ILE A 395 8.55 -2.90 26.54
CA ILE A 395 7.17 -2.43 26.44
C ILE A 395 7.11 -0.99 26.92
N LEU A 396 6.99 -0.05 25.99
CA LEU A 396 6.75 1.34 26.32
C LEU A 396 5.26 1.61 26.49
N THR A 397 4.93 2.44 27.48
CA THR A 397 3.56 2.97 27.65
C THR A 397 3.63 4.48 27.75
N LYS A 398 2.48 5.12 27.76
CA LYS A 398 2.49 6.56 27.81
C LYS A 398 3.18 7.08 29.06
N ASN A 399 3.12 6.29 30.12
CA ASN A 399 3.71 6.63 31.43
C ASN A 399 5.18 6.22 31.63
N SER A 400 5.80 5.68 30.58
CA SER A 400 7.20 5.26 30.62
C SER A 400 8.09 6.46 30.85
N GLU A 401 8.89 6.39 31.91
CA GLU A 401 9.83 7.46 32.28
C GLU A 401 10.78 7.73 31.16
N GLU A 402 11.11 6.68 30.39
CA GLU A 402 12.07 6.77 29.25
C GLU A 402 11.66 7.70 28.13
N LEU A 403 10.36 7.92 27.97
CA LEU A 403 9.86 8.86 26.97
C LEU A 403 10.21 10.31 27.22
N SER A 404 10.82 10.60 28.38
CA SER A 404 11.33 11.94 28.63
C SER A 404 12.51 12.23 27.75
N SER A 405 13.22 11.20 27.30
CA SER A 405 14.18 11.36 26.20
C SER A 405 13.97 10.21 25.19
N LYS A 406 12.83 10.35 24.52
CA LYS A 406 12.27 9.33 23.66
C LYS A 406 13.24 8.85 22.58
N VAL A 407 13.82 9.77 21.83
CA VAL A 407 14.70 9.41 20.75
C VAL A 407 15.99 8.78 21.27
N ASN A 408 16.63 9.37 22.27
CA ASN A 408 17.84 8.75 22.88
C ASN A 408 17.56 7.34 23.39
N TYR A 409 16.42 7.14 24.02
CA TYR A 409 16.10 5.83 24.51
C TYR A 409 15.91 4.80 23.36
N LEU A 410 15.10 5.15 22.37
CA LEU A 410 14.90 4.22 21.24
C LEU A 410 16.20 3.95 20.51
N ASN A 411 17.04 4.98 20.42
CA ASN A 411 18.35 4.82 19.82
C ASN A 411 19.29 3.90 20.57
N SER A 412 19.07 3.74 21.88
CA SER A 412 19.80 2.76 22.67
C SER A 412 19.42 1.31 22.41
N LEU A 413 18.28 1.11 21.76
CA LEU A 413 17.73 -0.21 21.42
C LEU A 413 17.88 -0.60 19.94
N TYR A 414 17.69 0.39 19.08
CA TYR A 414 17.84 0.28 17.62
C TYR A 414 19.10 1.01 17.18
N PRO A 415 20.16 0.25 16.89
CA PRO A 415 21.39 0.94 16.45
C PRO A 415 21.24 1.66 15.12
N LYS A 416 22.06 2.70 14.94
CA LYS A 416 22.07 3.43 13.68
C LYS A 416 22.80 2.57 12.65
N LEU A 417 22.15 2.37 11.50
CA LEU A 417 22.62 1.43 10.50
C LEU A 417 23.15 2.02 9.21
N TYR A 418 22.89 3.32 8.99
CA TYR A 418 23.37 3.98 7.79
C TYR A 418 23.57 5.47 8.01
N GLU A 419 24.30 6.10 7.09
CA GLU A 419 24.51 7.55 7.07
C GLU A 419 23.78 8.19 5.92
N GLY A 420 23.48 9.48 6.04
CA GLY A 420 22.76 10.18 4.97
C GLY A 420 21.38 10.64 5.36
N ASP A 421 20.69 11.30 4.43
CA ASP A 421 19.36 11.88 4.69
C ASP A 421 18.22 11.16 3.94
N GLY A 422 18.56 10.08 3.24
CA GLY A 422 17.55 9.26 2.58
C GLY A 422 16.91 8.29 3.56
N TYR A 423 15.86 7.62 3.10
CA TYR A 423 15.24 6.52 3.84
C TYR A 423 15.92 5.19 3.47
N ALA A 424 16.40 4.49 4.49
CA ALA A 424 16.90 3.12 4.32
C ALA A 424 16.51 2.26 5.49
N GLN A 425 16.04 1.07 5.17
CA GLN A 425 15.64 0.09 6.16
C GLN A 425 16.35 -1.25 5.86
N ARG A 426 16.95 -1.85 6.89
CA ARG A 426 17.57 -3.16 6.77
C ARG A 426 16.55 -4.23 7.06
N VAL A 427 16.29 -5.09 6.08
CA VAL A 427 15.28 -6.15 6.13
C VAL A 427 15.96 -7.46 5.79
N GLY A 428 16.30 -8.23 6.82
CA GLY A 428 17.08 -9.44 6.60
C GLY A 428 18.37 -9.14 5.90
N ASN A 429 18.57 -9.78 4.75
CA ASN A 429 19.83 -9.60 3.96
C ASN A 429 19.70 -8.56 2.86
N SER A 430 18.71 -7.68 2.98
CA SER A 430 18.48 -6.60 2.03
C SER A 430 18.34 -5.21 2.65
N TRP A 431 18.67 -4.21 1.82
CA TRP A 431 18.36 -2.83 2.09
C TRP A 431 17.19 -2.38 1.22
N TYR A 432 16.21 -1.73 1.85
CA TYR A 432 15.07 -1.09 1.20
C TYR A 432 15.22 0.42 1.38
N ILE A 433 15.17 1.15 0.27
CA ILE A 433 15.63 2.55 0.18
C ILE A 433 14.65 3.40 -0.63
N TYR A 434 14.40 4.63 -0.19
CA TYR A 434 13.80 5.63 -1.06
C TYR A 434 14.15 7.04 -0.66
N ASN A 435 13.93 7.95 -1.60
CA ASN A 435 13.91 9.39 -1.32
C ASN A 435 12.57 9.70 -0.67
N SER A 436 12.62 10.29 0.53
CA SER A 436 11.42 10.56 1.33
C SER A 436 10.68 11.88 1.01
N ASN A 437 11.11 12.61 -0.02
CA ASN A 437 10.50 13.88 -0.36
C ASN A 437 9.29 13.71 -1.29
N ALA A 438 8.08 13.92 -0.77
CA ALA A 438 6.86 13.64 -1.54
C ALA A 438 6.64 14.60 -2.70
N ASN A 439 6.87 15.88 -2.46
CA ASN A 439 6.53 16.91 -3.46
C ASN A 439 7.48 18.12 -3.43
N ILE A 440 8.72 17.86 -3.04
CA ILE A 440 9.82 18.84 -3.05
C ILE A 440 10.96 18.24 -3.87
N ASN A 441 11.42 18.97 -4.86
CA ASN A 441 12.39 18.44 -5.83
C ASN A 441 13.83 18.55 -5.34
N LYS A 442 14.18 17.69 -4.37
CA LYS A 442 15.50 17.67 -3.75
C LYS A 442 16.03 16.23 -3.61
N ASN A 443 17.28 16.04 -3.98
CA ASN A 443 17.91 14.72 -3.87
C ASN A 443 18.27 14.35 -2.43
N GLN A 444 18.35 13.05 -2.20
CA GLN A 444 18.82 12.49 -0.94
C GLN A 444 19.88 11.46 -1.20
N GLN A 445 20.78 11.33 -0.23
CA GLN A 445 21.89 10.40 -0.29
C GLN A 445 21.88 9.44 0.87
N VAL A 446 22.33 8.23 0.61
CA VAL A 446 22.57 7.26 1.65
C VAL A 446 23.91 6.60 1.48
N MET A 447 24.56 6.31 2.60
CA MET A 447 25.78 5.47 2.59
C MET A 447 25.47 4.25 3.46
N LEU A 448 25.43 3.08 2.83
CA LEU A 448 24.93 1.84 3.40
C LEU A 448 26.08 0.88 3.68
N PRO A 449 26.42 0.68 4.94
CA PRO A 449 27.32 -0.41 5.27
C PRO A 449 26.71 -1.73 4.76
N MET A 450 27.57 -2.65 4.36
CA MET A 450 27.15 -3.90 3.78
C MET A 450 27.58 -5.04 4.71
N TYR A 451 26.83 -6.15 4.65
CA TYR A 451 26.91 -7.22 5.67
C TYR A 451 27.61 -8.48 5.15
N THR A 452 28.08 -8.38 3.91
CA THR A 452 28.93 -9.40 3.25
C THR A 452 30.16 -8.69 2.69
N ASN A 453 31.18 -9.46 2.29
CA ASN A 453 32.36 -8.86 1.63
C ASN A 453 32.27 -8.73 0.11
N ASN A 454 31.04 -8.81 -0.42
CA ASN A 454 30.81 -8.44 -1.81
C ASN A 454 31.32 -7.00 -2.07
N THR A 455 31.04 -6.11 -1.12
CA THR A 455 31.54 -4.74 -1.10
C THR A 455 31.54 -4.28 0.35
N LYS A 456 32.32 -3.26 0.65
CA LYS A 456 32.32 -2.78 2.04
C LYS A 456 31.11 -1.91 2.33
N SER A 457 30.86 -0.98 1.43
CA SER A 457 29.72 -0.08 1.58
C SER A 457 29.17 0.26 0.21
N LEU A 458 27.90 0.68 0.19
CA LEU A 458 27.20 1.02 -1.05
C LEU A 458 26.51 2.35 -0.81
N SER A 459 26.76 3.30 -1.67
CA SER A 459 26.09 4.61 -1.59
C SER A 459 25.18 4.85 -2.80
N LEU A 460 24.11 5.61 -2.54
CA LEU A 460 23.14 6.02 -3.54
C LEU A 460 22.85 7.51 -3.44
N ASP A 461 22.78 8.14 -4.60
CA ASP A 461 22.26 9.48 -4.77
C ASP A 461 20.96 9.33 -5.53
N LEU A 462 19.87 9.75 -4.88
CA LEU A 462 18.48 9.49 -5.33
C LEU A 462 17.70 10.77 -5.58
N THR A 463 17.11 10.90 -6.76
CA THR A 463 16.17 11.99 -6.99
C THR A 463 14.82 11.63 -6.36
N PRO A 464 13.96 12.62 -6.18
CA PRO A 464 12.64 12.28 -5.66
C PRO A 464 11.93 11.19 -6.49
N HIS A 465 11.12 10.39 -5.83
CA HIS A 465 10.29 9.35 -6.45
C HIS A 465 11.18 8.28 -7.10
N THR A 466 12.24 7.95 -6.36
CA THR A 466 13.12 6.83 -6.67
C THR A 466 13.19 5.92 -5.43
N TYR A 467 13.00 4.62 -5.66
CA TYR A 467 13.23 3.60 -4.66
C TYR A 467 14.28 2.61 -5.16
N ALA A 468 14.88 1.90 -4.22
CA ALA A 468 15.86 0.87 -4.58
C ALA A 468 15.78 -0.26 -3.61
N VAL A 469 16.15 -1.46 -4.07
CA VAL A 469 16.25 -2.62 -3.18
C VAL A 469 17.57 -3.30 -3.49
N VAL A 470 18.37 -3.53 -2.48
CA VAL A 470 19.69 -4.14 -2.68
C VAL A 470 19.66 -5.41 -1.85
N LYS A 471 19.74 -6.56 -2.50
CA LYS A 471 19.82 -7.83 -1.80
C LYS A 471 21.26 -8.37 -1.85
N GLU A 472 21.77 -8.74 -0.68
CA GLU A 472 23.07 -9.36 -0.60
C GLU A 472 22.91 -10.87 -0.60
N ASN A 473 23.28 -11.49 -1.72
CA ASN A 473 23.47 -12.94 -1.82
C ASN A 473 24.88 -13.27 -1.36
N PRO A 474 25.17 -14.55 -1.14
CA PRO A 474 26.54 -14.86 -0.72
C PRO A 474 27.66 -14.29 -1.58
N ASN A 475 27.50 -14.33 -2.90
CA ASN A 475 28.59 -13.94 -3.78
C ASN A 475 28.16 -13.01 -4.87
N ASN A 476 27.01 -12.37 -4.70
CA ASN A 476 26.59 -11.31 -5.63
C ASN A 476 25.66 -10.37 -4.91
N LEU A 477 25.54 -9.17 -5.45
CA LEU A 477 24.48 -8.23 -5.09
C LEU A 477 23.42 -8.17 -6.18
N HIS A 478 22.15 -8.22 -5.80
CA HIS A 478 21.10 -7.86 -6.72
C HIS A 478 20.57 -6.46 -6.41
N ILE A 479 20.53 -5.60 -7.42
CA ILE A 479 20.07 -4.22 -7.22
C ILE A 479 18.86 -3.93 -8.13
N LEU A 480 17.78 -3.47 -7.51
CA LEU A 480 16.60 -2.98 -8.21
C LEU A 480 16.49 -1.47 -7.99
N LEU A 481 16.40 -0.73 -9.09
CA LEU A 481 16.13 0.71 -9.11
C LEU A 481 14.81 0.96 -9.82
N ASN A 482 13.99 1.84 -9.30
CA ASN A 482 12.80 2.26 -10.05
C ASN A 482 12.45 3.72 -9.65
N ASN A 483 12.41 4.57 -10.67
CA ASN A 483 12.08 5.98 -10.46
C ASN A 483 10.94 6.43 -11.38
N TYR A 484 10.13 5.47 -11.86
CA TYR A 484 9.14 5.79 -12.93
C TYR A 484 8.19 6.95 -12.51
N ARG A 485 8.17 8.03 -13.30
CA ARG A 485 7.23 9.10 -13.03
C ARG A 485 6.99 9.77 -14.38
N THR A 486 5.77 9.69 -14.86
CA THR A 486 5.41 10.42 -16.11
C THR A 486 5.28 11.93 -15.85
N ASP A 487 5.54 12.72 -16.87
CA ASP A 487 5.29 14.16 -16.82
C ASP A 487 3.79 14.43 -16.90
N LYS A 488 3.22 15.01 -15.85
CA LYS A 488 1.77 15.27 -15.80
C LYS A 488 1.38 16.61 -16.41
N THR A 489 2.35 17.29 -17.03
CA THR A 489 2.16 18.64 -17.49
C THR A 489 1.04 18.73 -18.54
N ALA A 490 1.07 17.80 -19.49
CA ALA A 490 0.09 17.79 -20.58
C ALA A 490 -1.32 17.72 -20.01
N MET A 491 -1.52 16.84 -19.04
CA MET A 491 -2.82 16.69 -18.45
C MET A 491 -3.27 17.98 -17.76
N TRP A 492 -2.36 18.61 -17.02
CA TRP A 492 -2.66 19.87 -16.34
C TRP A 492 -2.89 21.07 -17.28
N ALA A 493 -2.48 20.94 -18.52
CA ALA A 493 -2.59 22.00 -19.51
C ALA A 493 -3.90 21.99 -20.26
N LEU A 494 -4.70 20.94 -20.08
CA LEU A 494 -6.00 20.80 -20.77
C LEU A 494 -6.96 21.89 -20.31
N SER A 495 -7.77 22.38 -21.25
CA SER A 495 -8.92 23.20 -20.94
C SER A 495 -10.06 22.31 -20.43
N GLY A 496 -10.96 22.91 -19.67
CA GLY A 496 -12.14 22.21 -19.19
C GLY A 496 -12.31 22.26 -17.69
N ASN A 497 -13.50 21.83 -17.27
CA ASN A 497 -13.85 21.74 -15.87
C ASN A 497 -13.67 20.30 -15.39
N PHE A 498 -12.69 20.10 -14.51
CA PHE A 498 -12.42 18.80 -13.96
C PHE A 498 -12.62 18.81 -12.44
N ASP A 499 -13.48 19.69 -11.94
CA ASP A 499 -13.73 19.77 -10.49
C ASP A 499 -14.28 18.46 -9.90
N ALA A 500 -13.82 18.14 -8.69
CA ALA A 500 -14.18 16.87 -8.03
C ALA A 500 -15.67 16.79 -7.77
N SER A 501 -16.38 17.93 -7.84
CA SER A 501 -17.83 17.90 -7.79
C SER A 501 -18.48 17.21 -9.01
N LYS A 502 -17.68 16.89 -10.03
CA LYS A 502 -18.12 16.14 -11.20
C LYS A 502 -17.68 14.68 -11.18
N SER A 503 -17.20 14.23 -10.02
CA SER A 503 -17.03 12.80 -9.76
C SER A 503 -18.34 12.08 -10.03
N TRP A 504 -18.26 10.94 -10.71
CA TRP A 504 -19.42 10.14 -11.13
C TRP A 504 -20.26 10.81 -12.20
N LYS A 505 -19.75 11.88 -12.82
CA LYS A 505 -20.50 12.59 -13.85
C LYS A 505 -19.71 12.56 -15.13
N LYS A 506 -20.27 13.16 -16.18
CA LYS A 506 -19.67 13.05 -17.50
C LYS A 506 -18.27 13.64 -17.62
N GLU A 507 -17.94 14.67 -16.83
CA GLU A 507 -16.62 15.29 -16.90
C GLU A 507 -15.56 14.34 -16.42
N GLU A 508 -15.92 13.53 -15.40
CA GLU A 508 -15.01 12.49 -14.96
C GLU A 508 -14.77 11.45 -16.07
N LEU A 509 -15.83 11.01 -16.77
CA LEU A 509 -15.62 10.17 -17.97
C LEU A 509 -14.72 10.83 -19.01
N GLU A 510 -14.90 12.13 -19.22
CA GLU A 510 -14.10 12.86 -20.19
C GLU A 510 -12.60 12.77 -19.84
N LEU A 511 -12.26 12.96 -18.56
CA LEU A 511 -10.87 12.79 -18.09
C LEU A 511 -10.41 11.33 -18.31
N ALA A 512 -11.28 10.38 -18.02
CA ALA A 512 -10.94 8.95 -18.21
C ALA A 512 -10.71 8.60 -19.68
N ASN A 513 -11.49 9.22 -20.57
CA ASN A 513 -11.33 9.01 -21.98
C ASN A 513 -10.01 9.59 -22.47
N TRP A 514 -9.66 10.80 -22.00
CA TRP A 514 -8.38 11.40 -22.31
C TRP A 514 -7.22 10.50 -21.84
N ILE A 515 -7.31 9.99 -20.63
CA ILE A 515 -6.27 9.12 -20.09
C ILE A 515 -6.03 7.91 -20.99
N SER A 516 -7.10 7.28 -21.48
CA SER A 516 -6.91 6.07 -22.31
C SER A 516 -6.28 6.34 -23.68
N LYS A 517 -6.35 7.57 -24.17
CA LYS A 517 -5.78 7.96 -25.45
C LYS A 517 -4.49 8.77 -25.39
N ASN A 518 -4.09 9.25 -24.21
CA ASN A 518 -2.90 10.09 -24.08
C ASN A 518 -1.98 9.45 -23.03
N TYR A 519 -2.26 9.66 -21.77
CA TYR A 519 -1.41 9.10 -20.71
C TYR A 519 -1.08 7.62 -20.92
N SER A 520 -2.08 6.79 -21.25
CA SER A 520 -1.88 5.35 -21.23
C SER A 520 -1.24 4.84 -22.50
N ILE A 521 -1.28 5.64 -23.58
CA ILE A 521 -0.70 5.21 -24.85
C ILE A 521 0.56 5.96 -25.25
N ASN A 522 0.64 7.24 -24.90
CA ASN A 522 1.78 8.10 -25.20
C ASN A 522 2.21 8.80 -23.91
N PRO A 523 2.56 8.00 -22.86
CA PRO A 523 3.01 8.57 -21.61
C PRO A 523 4.27 9.40 -21.84
N VAL A 524 4.34 10.55 -21.20
CA VAL A 524 5.43 11.47 -21.37
C VAL A 524 6.46 11.07 -20.32
N ASP A 525 7.27 10.09 -20.68
CA ASP A 525 8.22 9.46 -19.78
C ASP A 525 9.64 9.40 -20.31
N ASN A 526 9.98 10.37 -21.18
CA ASN A 526 11.32 10.39 -21.82
C ASN A 526 12.32 11.31 -21.13
N ASP A 527 11.90 11.99 -20.07
CA ASP A 527 12.82 12.76 -19.27
C ASP A 527 13.48 11.81 -18.24
N PHE A 528 14.78 11.60 -18.35
CA PHE A 528 15.47 10.72 -17.45
C PHE A 528 16.04 11.50 -16.27
N ARG A 529 16.23 10.80 -15.16
CA ARG A 529 16.76 11.35 -13.88
C ARG A 529 17.87 10.38 -13.48
N THR A 530 18.85 10.88 -12.74
CA THR A 530 20.07 10.12 -12.54
C THR A 530 20.11 9.54 -11.14
N THR A 531 20.38 8.25 -11.06
CA THR A 531 20.63 7.54 -9.80
C THR A 531 22.10 7.12 -9.87
N THR A 532 22.89 7.54 -8.88
CA THR A 532 24.30 7.21 -8.84
C THR A 532 24.53 6.20 -7.76
N LEU A 533 25.13 5.07 -8.17
CA LEU A 533 25.41 3.96 -7.30
C LEU A 533 26.91 3.74 -7.22
N THR A 534 27.42 3.74 -5.99
CA THR A 534 28.84 3.59 -5.72
C THR A 534 29.09 2.43 -4.76
N LEU A 535 29.94 1.50 -5.20
CA LEU A 535 30.35 0.33 -4.41
C LEU A 535 31.79 0.56 -3.98
N LYS A 536 31.99 0.74 -2.68
CA LYS A 536 33.28 1.01 -2.13
C LYS A 536 33.85 -0.29 -1.62
N GLY A 537 34.99 -0.66 -2.17
CA GLY A 537 35.74 -1.78 -1.64
C GLY A 537 35.08 -3.02 -2.13
N HIS A 538 34.83 -3.04 -3.44
CA HIS A 538 34.13 -4.15 -4.08
C HIS A 538 35.09 -5.27 -4.42
N HIS A 541 38.66 -6.97 -8.37
CA HIS A 541 38.48 -7.05 -9.83
C HIS A 541 37.28 -6.21 -10.36
N LYS A 542 37.48 -5.48 -11.46
CA LYS A 542 36.42 -4.61 -12.05
C LYS A 542 35.17 -5.42 -12.47
N PRO A 543 34.02 -5.25 -11.75
CA PRO A 543 32.81 -6.02 -11.97
C PRO A 543 32.37 -6.16 -13.42
N GLN A 544 31.87 -7.33 -13.78
CA GLN A 544 31.22 -7.50 -15.07
C GLN A 544 29.75 -7.62 -14.80
N ILE A 545 29.04 -6.50 -14.84
CA ILE A 545 27.64 -6.50 -14.45
C ILE A 545 26.72 -7.08 -15.53
N ASN A 546 25.58 -7.52 -15.06
CA ASN A 546 24.49 -7.90 -15.89
C ASN A 546 23.42 -6.88 -15.53
N ILE A 547 23.02 -6.12 -16.54
CA ILE A 547 22.09 -5.01 -16.33
C ILE A 547 20.95 -5.13 -17.33
N SER A 548 19.74 -4.84 -16.88
CA SER A 548 18.61 -4.73 -17.77
C SER A 548 17.69 -3.67 -17.22
N GLY A 549 16.61 -3.40 -17.94
CA GLY A 549 15.59 -2.45 -17.46
C GLY A 549 14.54 -2.14 -18.50
N ASP A 550 13.67 -1.17 -18.17
CA ASP A 550 12.57 -0.84 -19.08
C ASP A 550 13.11 -0.41 -20.44
N LYS A 551 12.62 -1.06 -21.49
CA LYS A 551 13.13 -0.81 -22.83
C LYS A 551 13.13 0.68 -23.20
N ASN A 552 14.23 1.17 -23.76
CA ASN A 552 14.36 2.57 -24.17
C ASN A 552 14.22 3.62 -23.06
N HIS A 553 14.30 3.19 -21.79
CA HIS A 553 14.12 4.10 -20.65
C HIS A 553 15.28 4.12 -19.67
N TYR A 554 16.48 3.78 -20.16
CA TYR A 554 17.69 3.98 -19.35
C TYR A 554 18.96 3.96 -20.18
N THR A 555 19.94 4.72 -19.70
CA THR A 555 21.33 4.68 -20.13
C THR A 555 22.21 4.69 -18.89
N TYR A 556 23.50 4.38 -19.05
CA TYR A 556 24.41 4.33 -17.89
C TYR A 556 25.87 4.52 -18.30
N THR A 557 26.65 5.05 -17.37
CA THR A 557 28.10 5.11 -17.49
C THR A 557 28.65 4.33 -16.29
N GLU A 558 29.78 3.67 -16.49
CA GLU A 558 30.50 2.96 -15.40
C GLU A 558 31.84 3.61 -15.14
N ASN A 559 32.36 3.40 -13.94
CA ASN A 559 33.62 3.96 -13.54
C ASN A 559 34.25 2.98 -12.54
N TRP A 560 35.51 2.60 -12.78
CA TRP A 560 36.23 1.70 -11.85
C TRP A 560 37.53 2.35 -11.45
N ASP A 561 37.79 2.43 -10.15
CA ASP A 561 39.09 2.89 -9.66
C ASP A 561 39.77 1.66 -9.05
N GLU A 562 40.75 1.15 -9.79
CA GLU A 562 41.43 -0.10 -9.44
C GLU A 562 42.24 0.03 -8.14
N ASN A 563 42.70 1.22 -7.82
CA ASN A 563 43.46 1.44 -6.58
C ASN A 563 42.62 1.43 -5.34
N THR A 564 41.43 2.01 -5.44
CA THR A 564 40.54 2.11 -4.29
C THR A 564 39.48 1.02 -4.34
N HIS A 565 39.43 0.27 -5.44
CA HIS A 565 38.42 -0.77 -5.65
C HIS A 565 37.02 -0.15 -5.51
N VAL A 566 36.87 1.07 -6.03
CA VAL A 566 35.57 1.72 -6.05
C VAL A 566 34.94 1.61 -7.46
N TYR A 567 33.73 1.07 -7.51
CA TYR A 567 32.97 0.96 -8.77
C TYR A 567 31.78 1.90 -8.69
N THR A 568 31.62 2.76 -9.70
CA THR A 568 30.45 3.65 -9.76
C THR A 568 29.65 3.36 -11.00
N ILE A 569 28.35 3.17 -10.85
CA ILE A 569 27.48 3.19 -12.04
C ILE A 569 26.51 4.36 -11.92
N THR A 570 26.48 5.17 -12.97
CA THR A 570 25.63 6.33 -13.05
C THR A 570 24.53 5.97 -14.02
N VAL A 571 23.29 5.83 -13.51
CA VAL A 571 22.17 5.35 -14.28
C VAL A 571 21.20 6.51 -14.54
N ASN A 572 20.96 6.80 -15.81
CA ASN A 572 19.95 7.80 -16.19
C ASN A 572 18.71 7.07 -16.61
N HIS A 573 17.59 7.27 -15.92
CA HIS A 573 16.46 6.43 -16.21
C HIS A 573 15.13 7.11 -15.92
N ASN A 574 14.08 6.58 -16.55
CA ASN A 574 12.71 6.83 -16.12
C ASN A 574 11.96 5.53 -16.17
N GLY A 575 12.00 4.80 -15.06
CA GLY A 575 11.50 3.44 -14.99
C GLY A 575 12.43 2.52 -14.22
N MET A 576 12.30 1.22 -14.49
CA MET A 576 12.98 0.17 -13.75
C MET A 576 14.36 -0.08 -14.36
N VAL A 577 15.36 -0.29 -13.52
CA VAL A 577 16.67 -0.80 -13.90
C VAL A 577 17.05 -1.87 -12.87
N GLU A 578 17.57 -2.99 -13.34
CA GLU A 578 17.95 -4.11 -12.49
C GLU A 578 19.38 -4.50 -12.82
N MET A 579 20.16 -4.82 -11.79
CA MET A 579 21.53 -5.31 -12.00
C MET A 579 21.87 -6.46 -11.07
N SER A 580 22.76 -7.31 -11.56
CA SER A 580 23.45 -8.29 -10.71
C SER A 580 24.95 -7.99 -10.82
N ILE A 581 25.62 -7.87 -9.70
CA ILE A 581 27.04 -7.54 -9.64
C ILE A 581 27.80 -8.62 -8.78
C1 GAL B . -13.91 9.18 -0.64
C2 GAL B . -14.45 8.74 -2.01
C3 GAL B . -13.69 9.33 -3.19
C4 GAL B . -13.30 10.81 -2.97
C5 GAL B . -12.56 10.89 -1.64
C6 GAL B . -11.99 12.25 -1.30
O1 GAL B . -14.98 9.01 0.28
O2 GAL B . -14.33 7.35 -2.07
O3 GAL B . -14.44 9.17 -4.38
O4 GAL B . -14.43 11.65 -3.00
O5 GAL B . -13.48 10.54 -0.61
O6 GAL B . -11.52 12.15 0.03
C1 FUC B . -15.56 6.64 -2.35
C2 FUC B . -15.15 5.18 -2.70
C3 FUC B . -14.58 4.49 -1.43
C4 FUC B . -15.64 4.57 -0.31
C5 FUC B . -16.09 6.02 -0.09
C6 FUC B . -17.14 6.23 1.02
O2 FUC B . -14.18 5.20 -3.71
O3 FUC B . -14.20 3.14 -1.67
O4 FUC B . -16.70 3.69 -0.64
O5 FUC B . -16.54 6.63 -1.30
#